data_3CGG
#
_entry.id   3CGG
#
_cell.length_a   51.330
_cell.length_b   87.398
_cell.length_c   92.429
_cell.angle_alpha   90.000
_cell.angle_beta   90.000
_cell.angle_gamma   90.000
#
_symmetry.space_group_name_H-M   'P 21 21 21'
#
loop_
_entity.id
_entity.type
_entity.pdbx_description
1 polymer 'SAM-dependent methyltransferase'
2 non-polymer '2-[N-CYCLOHEXYLAMINO]ETHANE SULFONIC ACID'
3 non-polymer 1,2-ETHANEDIOL
4 non-polymer 'CITRIC ACID'
5 water water
#
_entity_poly.entity_id   1
_entity_poly.type   'polypeptide(L)'
_entity_poly.pdbx_seq_one_letter_code
;G(MSE)TTWKELTDNNPAHSENYAQRWRNLAAAGNDIYGEARLIDA(MSE)APRGAKILDAGCGQGRIGGYLSKQGHDVL
GTDLDPILIDYAKQDFPEARWVVGDLSVDQISETDFDLIVSAGNV(MSE)GFLAEDGREPALANIHRALGADGRAVIGFG
AGRGWVFGDFLEVAERVGLELENAFESWDLKPFVQGSEFLVAVFTKK
;
_entity_poly.pdbx_strand_id   A,B
#
loop_
_chem_comp.id
_chem_comp.type
_chem_comp.name
_chem_comp.formula
CIT non-polymer 'CITRIC ACID' 'C6 H8 O7'
EDO non-polymer 1,2-ETHANEDIOL 'C2 H6 O2'
NHE non-polymer '2-[N-CYCLOHEXYLAMINO]ETHANE SULFONIC ACID' 'C8 H17 N O3 S'
#
# COMPACT_ATOMS: atom_id res chain seq x y z
N ASP A 10 13.53 25.87 -31.20
CA ASP A 10 13.78 27.18 -30.56
C ASP A 10 13.64 27.07 -29.03
N ASN A 11 13.55 25.83 -28.54
CA ASN A 11 13.47 25.54 -27.11
C ASN A 11 14.82 25.70 -26.39
N ASN A 12 14.79 26.29 -25.20
CA ASN A 12 15.99 26.63 -24.42
C ASN A 12 15.62 26.68 -22.92
N PRO A 13 16.63 26.74 -22.01
CA PRO A 13 16.32 26.62 -20.56
C PRO A 13 15.59 27.84 -19.91
N ALA A 14 15.44 28.92 -20.68
CA ALA A 14 14.61 30.07 -20.28
C ALA A 14 13.09 29.82 -20.45
N HIS A 15 12.73 28.70 -21.09
CA HIS A 15 11.31 28.27 -21.26
C HIS A 15 10.77 27.40 -20.11
N SER A 16 11.63 26.95 -19.21
CA SER A 16 11.19 25.99 -18.19
C SER A 16 10.53 26.70 -16.98
N GLU A 17 9.86 25.92 -16.13
CA GLU A 17 9.04 26.49 -15.07
C GLU A 17 9.88 26.76 -13.83
N ASN A 18 9.65 27.92 -13.22
CA ASN A 18 10.22 28.22 -11.90
C ASN A 18 9.44 27.51 -10.82
N TYR A 19 9.84 27.75 -9.57
CA TYR A 19 9.29 27.08 -8.40
C TYR A 19 7.77 27.30 -8.26
N ALA A 20 7.34 28.55 -8.38
CA ALA A 20 5.91 28.87 -8.28
C ALA A 20 5.11 28.11 -9.36
N GLN A 21 5.61 28.18 -10.58
CA GLN A 21 4.90 27.65 -11.74
C GLN A 21 4.80 26.12 -11.62
N ARG A 22 5.91 25.45 -11.32
CA ARG A 22 5.89 24.02 -11.05
C ARG A 22 4.81 23.65 -10.06
N TRP A 23 4.82 24.27 -8.89
CA TRP A 23 3.86 23.98 -7.81
C TRP A 23 2.41 24.17 -8.34
N ARG A 24 2.12 25.34 -8.90
CA ARG A 24 0.77 25.61 -9.41
C ARG A 24 0.35 24.65 -10.53
N ASN A 25 1.25 24.38 -11.47
CA ASN A 25 0.96 23.48 -12.58
C ASN A 25 0.66 22.04 -12.10
N LEU A 26 1.36 21.56 -11.08
N LEU A 26 1.36 21.56 -11.08
CA LEU A 26 1.10 20.21 -10.53
CA LEU A 26 1.11 20.22 -10.54
C LEU A 26 -0.26 20.16 -9.80
C LEU A 26 -0.26 20.19 -9.83
N ALA A 27 -0.49 21.11 -8.90
CA ALA A 27 -1.79 21.21 -8.20
C ALA A 27 -2.97 21.35 -9.18
N ALA A 28 -2.75 22.10 -10.26
CA ALA A 28 -3.78 22.33 -11.29
C ALA A 28 -3.97 21.13 -12.24
N ALA A 29 -2.90 20.36 -12.46
CA ALA A 29 -2.97 19.16 -13.32
C ALA A 29 -3.91 18.12 -12.70
N GLY A 30 -3.83 17.98 -11.37
CA GLY A 30 -4.64 17.00 -10.63
C GLY A 30 -4.45 15.54 -11.05
N ASN A 31 -3.23 15.14 -11.41
CA ASN A 31 -2.97 13.78 -11.89
C ASN A 31 -2.65 12.82 -10.74
N ASP A 32 -3.01 11.56 -10.95
CA ASP A 32 -2.80 10.50 -9.97
C ASP A 32 -1.35 10.09 -10.09
N ILE A 33 -0.46 10.82 -9.42
CA ILE A 33 1.00 10.59 -9.60
C ILE A 33 1.68 9.92 -8.41
N TYR A 34 0.92 9.56 -7.39
CA TYR A 34 1.51 9.07 -6.14
C TYR A 34 1.29 7.56 -5.82
N GLY A 35 0.80 6.81 -6.80
CA GLY A 35 0.53 5.39 -6.67
C GLY A 35 1.68 4.60 -6.12
N GLU A 36 2.88 4.85 -6.66
CA GLU A 36 4.05 4.14 -6.27
C GLU A 36 4.40 4.49 -4.83
N ALA A 37 4.27 5.77 -4.49
CA ALA A 37 4.54 6.22 -3.14
C ALA A 37 3.57 5.62 -2.15
N ARG A 38 2.30 5.43 -2.54
CA ARG A 38 1.29 4.86 -1.64
C ARG A 38 1.69 3.43 -1.24
N LEU A 39 2.17 2.65 -2.20
CA LEU A 39 2.58 1.26 -1.94
C LEU A 39 3.75 1.22 -0.98
N ILE A 40 4.79 2.02 -1.23
CA ILE A 40 5.96 2.11 -0.35
C ILE A 40 5.56 2.57 1.06
N ASP A 41 4.69 3.57 1.14
CA ASP A 41 4.12 3.99 2.44
C ASP A 41 3.41 2.83 3.16
N ALA A 42 2.64 2.02 2.45
CA ALA A 42 1.95 0.89 3.07
C ALA A 42 2.94 -0.16 3.61
N MSE A 43 4.07 -0.28 2.94
CA MSE A 43 5.07 -1.26 3.32
C MSE A 43 6.02 -0.76 4.43
O MSE A 43 6.65 -1.55 5.08
CB MSE A 43 5.88 -1.61 2.08
CG MSE A 43 5.10 -2.37 1.04
SE MSE A 43 6.12 -2.70 -0.58
CE MSE A 43 7.41 -3.89 0.18
N ALA A 44 6.11 0.56 4.65
CA ALA A 44 7.07 1.18 5.55
C ALA A 44 6.64 1.20 7.04
N PRO A 45 7.61 0.97 7.97
CA PRO A 45 7.31 1.41 9.33
C PRO A 45 7.29 2.95 9.35
N ARG A 46 6.75 3.54 10.40
CA ARG A 46 6.78 5.01 10.55
C ARG A 46 8.22 5.46 10.73
N GLY A 47 8.55 6.60 10.15
CA GLY A 47 9.91 7.12 10.16
C GLY A 47 10.95 6.21 9.56
N ALA A 48 10.59 5.44 8.55
CA ALA A 48 11.53 4.59 7.85
C ALA A 48 12.60 5.42 7.13
N LYS A 49 13.74 4.78 6.90
CA LYS A 49 14.77 5.35 6.03
C LYS A 49 14.64 4.74 4.63
N ILE A 50 14.40 5.61 3.66
CA ILE A 50 14.00 5.17 2.33
C ILE A 50 14.86 5.84 1.30
N LEU A 51 15.34 5.04 0.34
CA LEU A 51 16.06 5.49 -0.83
C LEU A 51 15.13 5.52 -2.05
N ASP A 52 15.00 6.70 -2.65
CA ASP A 52 14.31 6.83 -3.96
C ASP A 52 15.39 6.83 -5.02
N ALA A 53 15.61 5.66 -5.61
CA ALA A 53 16.70 5.34 -6.56
C ALA A 53 16.23 5.66 -7.97
N GLY A 54 16.94 6.54 -8.66
CA GLY A 54 16.47 7.13 -9.90
C GLY A 54 15.22 7.98 -9.68
N CYS A 55 15.31 8.98 -8.81
CA CYS A 55 14.17 9.71 -8.26
C CYS A 55 13.61 10.79 -9.16
N GLY A 56 14.30 11.11 -10.23
CA GLY A 56 13.91 12.25 -11.09
C GLY A 56 13.85 13.51 -10.25
N GLN A 57 12.77 14.26 -10.36
CA GLN A 57 12.62 15.47 -9.56
C GLN A 57 11.91 15.27 -8.20
N GLY A 58 11.88 14.01 -7.74
CA GLY A 58 11.57 13.68 -6.35
C GLY A 58 10.12 13.39 -6.02
N ARG A 59 9.30 13.10 -7.01
CA ARG A 59 7.85 12.90 -6.83
C ARG A 59 7.54 11.83 -5.77
N ILE A 60 8.23 10.70 -5.83
N ILE A 60 8.19 10.67 -5.86
CA ILE A 60 7.96 9.61 -4.92
CA ILE A 60 7.97 9.59 -4.91
C ILE A 60 8.61 9.85 -3.54
C ILE A 60 8.59 9.91 -3.55
N GLY A 61 9.91 10.10 -3.51
CA GLY A 61 10.58 10.40 -2.28
C GLY A 61 10.06 11.62 -1.57
N GLY A 62 9.72 12.67 -2.30
CA GLY A 62 9.13 13.88 -1.74
C GLY A 62 7.81 13.63 -1.01
N TYR A 63 6.94 12.85 -1.64
CA TYR A 63 5.68 12.39 -1.00
C TYR A 63 5.99 11.64 0.27
N LEU A 64 6.92 10.69 0.19
CA LEU A 64 7.28 9.90 1.36
C LEU A 64 7.87 10.76 2.51
N SER A 65 8.62 11.80 2.16
N SER A 65 8.62 11.80 2.16
CA SER A 65 9.19 12.71 3.16
CA SER A 65 9.19 12.69 3.17
C SER A 65 8.06 13.43 3.91
C SER A 65 8.08 13.46 3.90
N LYS A 66 7.00 13.78 3.19
CA LYS A 66 5.84 14.40 3.79
C LYS A 66 5.05 13.45 4.70
N GLN A 67 5.26 12.14 4.58
CA GLN A 67 4.67 11.18 5.53
C GLN A 67 5.54 10.91 6.75
N GLY A 68 6.65 11.63 6.89
CA GLY A 68 7.51 11.52 8.10
C GLY A 68 8.67 10.54 7.99
N HIS A 69 8.88 10.02 6.79
CA HIS A 69 10.02 9.15 6.52
C HIS A 69 11.32 9.94 6.29
N ASP A 70 12.46 9.26 6.48
CA ASP A 70 13.78 9.83 6.23
C ASP A 70 14.19 9.44 4.83
N VAL A 71 14.06 10.37 3.90
CA VAL A 71 14.22 10.05 2.48
C VAL A 71 15.51 10.60 1.91
N LEU A 72 16.23 9.76 1.18
CA LEU A 72 17.32 10.19 0.27
C LEU A 72 16.91 9.82 -1.13
N GLY A 73 16.98 10.80 -2.05
CA GLY A 73 16.72 10.54 -3.46
C GLY A 73 18.01 10.74 -4.25
N THR A 74 18.28 9.81 -5.17
CA THR A 74 19.43 9.91 -6.05
C THR A 74 18.98 9.79 -7.52
N ASP A 75 19.54 10.63 -8.37
CA ASP A 75 19.30 10.60 -9.80
C ASP A 75 20.51 11.22 -10.52
N LEU A 76 20.69 10.83 -11.77
CA LEU A 76 21.86 11.29 -12.53
C LEU A 76 21.65 12.69 -13.14
N ASP A 77 20.41 13.17 -13.15
CA ASP A 77 20.10 14.42 -13.80
C ASP A 77 20.16 15.56 -12.77
N PRO A 78 21.14 16.47 -12.92
CA PRO A 78 21.32 17.56 -11.98
C PRO A 78 20.23 18.61 -11.93
N ILE A 79 19.53 18.85 -13.03
CA ILE A 79 18.43 19.82 -13.06
C ILE A 79 17.26 19.29 -12.24
N LEU A 80 17.01 18.00 -12.33
CA LEU A 80 15.87 17.42 -11.67
C LEU A 80 16.16 17.33 -10.17
N ILE A 81 17.40 17.05 -9.79
CA ILE A 81 17.77 17.03 -8.37
C ILE A 81 17.67 18.41 -7.78
N ASP A 82 17.98 19.40 -8.58
CA ASP A 82 17.81 20.77 -8.14
C ASP A 82 16.33 21.10 -7.85
N TYR A 83 15.42 20.65 -8.73
CA TYR A 83 13.99 20.81 -8.51
C TYR A 83 13.53 20.13 -7.23
N ALA A 84 13.99 18.88 -7.03
CA ALA A 84 13.76 18.14 -5.79
C ALA A 84 14.22 18.89 -4.55
N LYS A 85 15.40 19.48 -4.60
CA LYS A 85 15.91 20.21 -3.43
C LYS A 85 15.04 21.43 -3.13
N GLN A 86 14.54 22.11 -4.17
CA GLN A 86 13.63 23.26 -3.99
C GLN A 86 12.27 22.80 -3.51
N ASP A 87 11.80 21.68 -4.05
CA ASP A 87 10.41 21.31 -3.79
C ASP A 87 10.23 20.52 -2.49
N PHE A 88 11.27 19.77 -2.10
CA PHE A 88 11.20 18.88 -0.95
C PHE A 88 12.41 19.05 -0.06
N PRO A 89 12.49 20.19 0.67
CA PRO A 89 13.66 20.47 1.52
C PRO A 89 13.75 19.65 2.83
N GLU A 90 12.68 18.98 3.21
N GLU A 90 12.68 18.97 3.23
CA GLU A 90 12.69 18.01 4.33
CA GLU A 90 12.77 18.03 4.36
C GLU A 90 13.20 16.61 3.93
C GLU A 90 13.54 16.75 3.99
N ALA A 91 13.66 16.46 2.69
CA ALA A 91 14.31 15.25 2.26
C ALA A 91 15.77 15.57 1.89
N ARG A 92 16.52 14.55 1.50
CA ARG A 92 17.89 14.74 1.08
C ARG A 92 18.03 14.23 -0.35
N TRP A 93 18.83 14.93 -1.14
CA TRP A 93 18.87 14.69 -2.58
C TRP A 93 20.31 14.77 -3.08
N VAL A 94 20.65 13.89 -4.03
CA VAL A 94 22.03 13.82 -4.52
C VAL A 94 22.07 13.44 -5.98
N VAL A 95 23.02 14.03 -6.72
CA VAL A 95 23.22 13.70 -8.13
C VAL A 95 24.18 12.50 -8.17
N GLY A 96 23.83 11.47 -8.91
CA GLY A 96 24.73 10.35 -9.10
C GLY A 96 24.15 9.34 -10.05
N ASP A 97 25.05 8.55 -10.64
CA ASP A 97 24.65 7.52 -11.58
C ASP A 97 24.95 6.23 -10.89
N LEU A 98 23.88 5.52 -10.56
CA LEU A 98 23.91 4.27 -9.80
C LEU A 98 24.66 3.15 -10.43
N SER A 99 24.82 3.19 -11.75
CA SER A 99 25.60 2.20 -12.45
C SER A 99 27.13 2.38 -12.29
N VAL A 100 27.58 3.59 -11.94
CA VAL A 100 29.03 3.87 -11.86
C VAL A 100 29.45 4.40 -10.48
N ASP A 101 28.54 5.09 -9.79
CA ASP A 101 28.82 5.76 -8.53
C ASP A 101 28.23 4.96 -7.38
N GLN A 102 29.07 4.38 -6.53
CA GLN A 102 28.56 3.64 -5.36
C GLN A 102 27.71 4.56 -4.42
N ILE A 103 26.59 4.04 -3.95
CA ILE A 103 25.81 4.66 -2.89
C ILE A 103 26.56 4.37 -1.58
N SER A 104 27.04 5.39 -0.89
CA SER A 104 27.82 5.18 0.33
C SER A 104 26.94 4.96 1.57
N GLU A 105 25.71 5.42 1.51
CA GLU A 105 24.79 5.27 2.66
C GLU A 105 24.13 3.89 2.62
N THR A 106 23.78 3.37 3.77
CA THR A 106 23.22 2.03 3.83
C THR A 106 22.14 1.94 4.90
N ASP A 107 21.72 0.71 5.18
CA ASP A 107 20.70 0.46 6.20
C ASP A 107 19.37 1.12 5.85
N PHE A 108 19.07 1.17 4.55
CA PHE A 108 17.73 1.58 4.14
C PHE A 108 16.73 0.47 4.44
N ASP A 109 15.64 0.86 5.06
CA ASP A 109 14.49 -0.02 5.28
C ASP A 109 13.80 -0.37 3.97
N LEU A 110 13.60 0.65 3.15
CA LEU A 110 13.05 0.48 1.81
C LEU A 110 13.86 1.21 0.77
N ILE A 111 13.98 0.59 -0.39
CA ILE A 111 14.50 1.24 -1.58
C ILE A 111 13.49 1.08 -2.72
N VAL A 112 13.09 2.20 -3.30
CA VAL A 112 12.13 2.20 -4.42
C VAL A 112 12.75 2.70 -5.73
N SER A 113 12.54 1.94 -6.82
CA SER A 113 12.77 2.43 -8.20
C SER A 113 11.46 2.46 -8.96
N ALA A 114 10.97 3.65 -9.27
CA ALA A 114 9.69 3.86 -10.00
C ALA A 114 9.86 4.65 -11.27
N GLY A 115 11.11 4.99 -11.62
CA GLY A 115 11.39 5.80 -12.82
C GLY A 115 10.82 5.26 -14.14
N ASN A 116 10.86 3.94 -14.28
CA ASN A 116 10.47 3.28 -15.51
C ASN A 116 11.21 3.77 -16.75
N VAL A 117 12.53 3.93 -16.64
CA VAL A 117 13.38 4.43 -17.77
C VAL A 117 14.63 3.54 -17.93
N MSE A 118 14.42 2.22 -17.87
CA MSE A 118 15.50 1.18 -17.92
C MSE A 118 16.33 1.18 -19.22
O MSE A 118 17.47 0.73 -19.25
CB MSE A 118 14.94 -0.22 -17.69
CG MSE A 118 14.25 -0.42 -16.36
SE MSE A 118 15.49 -0.03 -14.90
CE MSE A 118 14.46 -0.88 -13.48
N GLY A 119 15.73 1.68 -20.30
CA GLY A 119 16.37 1.69 -21.62
C GLY A 119 17.56 2.61 -21.70
N PHE A 120 17.66 3.52 -20.74
CA PHE A 120 18.76 4.46 -20.64
C PHE A 120 19.93 3.89 -19.84
N LEU A 121 19.68 2.80 -19.14
CA LEU A 121 20.72 2.10 -18.40
C LEU A 121 21.47 1.12 -19.34
N ALA A 122 22.76 1.36 -19.57
CA ALA A 122 23.59 0.52 -20.44
C ALA A 122 23.67 -0.92 -19.89
N GLU A 123 23.74 -1.88 -20.79
CA GLU A 123 23.81 -3.28 -20.41
C GLU A 123 24.89 -3.56 -19.35
N ASP A 124 26.10 -3.04 -19.57
CA ASP A 124 27.18 -3.25 -18.62
C ASP A 124 27.00 -2.54 -17.27
N GLY A 125 26.06 -1.59 -17.18
CA GLY A 125 25.74 -0.92 -15.92
C GLY A 125 24.67 -1.57 -15.06
N ARG A 126 24.00 -2.60 -15.59
CA ARG A 126 22.84 -3.21 -14.94
C ARG A 126 23.17 -4.00 -13.66
N GLU A 127 24.14 -4.89 -13.77
CA GLU A 127 24.61 -5.58 -12.58
C GLU A 127 25.19 -4.65 -11.51
N PRO A 128 26.12 -3.74 -11.88
CA PRO A 128 26.58 -2.76 -10.89
C PRO A 128 25.47 -1.90 -10.24
N ALA A 129 24.52 -1.45 -11.03
CA ALA A 129 23.35 -0.76 -10.51
C ALA A 129 22.63 -1.59 -9.45
N LEU A 130 22.35 -2.86 -9.73
CA LEU A 130 21.62 -3.70 -8.76
C LEU A 130 22.47 -4.08 -7.53
N ALA A 131 23.78 -4.34 -7.71
CA ALA A 131 24.67 -4.59 -6.60
C ALA A 131 24.69 -3.36 -5.71
N ASN A 132 24.56 -2.20 -6.32
CA ASN A 132 24.59 -0.94 -5.60
C ASN A 132 23.38 -0.84 -4.67
N ILE A 133 22.20 -1.19 -5.21
CA ILE A 133 20.93 -1.25 -4.45
C ILE A 133 21.02 -2.19 -3.27
N HIS A 134 21.52 -3.39 -3.57
CA HIS A 134 21.73 -4.41 -2.61
C HIS A 134 22.61 -3.97 -1.43
N ARG A 135 23.73 -3.32 -1.70
CA ARG A 135 24.62 -2.86 -0.64
C ARG A 135 23.95 -1.79 0.25
N ALA A 136 23.14 -0.92 -0.35
CA ALA A 136 22.47 0.15 0.38
C ALA A 136 21.30 -0.35 1.22
N LEU A 137 20.84 -1.57 0.94
CA LEU A 137 19.69 -2.15 1.63
C LEU A 137 20.13 -2.61 3.01
N GLY A 138 19.30 -2.34 4.03
CA GLY A 138 19.51 -2.94 5.35
C GLY A 138 19.25 -4.43 5.35
N ALA A 139 19.76 -5.11 6.37
CA ALA A 139 19.64 -6.58 6.48
C ALA A 139 18.20 -7.06 6.35
N ASP A 140 17.28 -6.29 6.94
CA ASP A 140 15.86 -6.60 6.88
C ASP A 140 15.05 -5.67 5.99
N GLY A 141 15.72 -4.98 5.08
CA GLY A 141 15.06 -4.08 4.17
C GLY A 141 14.53 -4.76 2.92
N ARG A 142 13.67 -4.04 2.23
CA ARG A 142 13.21 -4.50 0.91
C ARG A 142 13.40 -3.46 -0.18
N ALA A 143 13.71 -3.97 -1.37
CA ALA A 143 13.80 -3.22 -2.59
C ALA A 143 12.53 -3.49 -3.42
N VAL A 144 11.91 -2.43 -3.95
CA VAL A 144 10.73 -2.53 -4.75
C VAL A 144 10.97 -1.80 -6.07
N ILE A 145 11.02 -2.55 -7.16
CA ILE A 145 11.43 -2.02 -8.44
C ILE A 145 10.32 -2.30 -9.44
N GLY A 146 9.78 -1.25 -10.04
CA GLY A 146 8.67 -1.29 -10.99
C GLY A 146 9.01 -0.66 -12.35
N PHE A 147 8.80 -1.45 -13.40
CA PHE A 147 8.93 -0.95 -14.76
C PHE A 147 8.11 -1.78 -15.72
N GLY A 148 7.85 -1.22 -16.91
CA GLY A 148 7.06 -1.87 -17.93
C GLY A 148 7.82 -2.78 -18.90
N ALA A 149 7.08 -3.76 -19.42
CA ALA A 149 7.47 -4.60 -20.55
C ALA A 149 7.78 -3.74 -21.77
N GLY A 150 8.80 -4.14 -22.52
CA GLY A 150 9.14 -3.44 -23.77
C GLY A 150 9.69 -2.04 -23.54
N ARG A 151 10.12 -1.74 -22.30
N ARG A 151 10.17 -1.77 -22.32
CA ARG A 151 10.71 -0.44 -21.97
CA ARG A 151 10.70 -0.46 -21.94
C ARG A 151 12.17 -0.61 -21.49
C ARG A 151 12.17 -0.59 -21.50
N GLY A 152 12.92 -1.45 -22.20
CA GLY A 152 14.39 -1.52 -22.06
C GLY A 152 15.02 -2.70 -21.31
N TRP A 153 14.21 -3.55 -20.67
CA TRP A 153 14.75 -4.69 -19.89
C TRP A 153 13.76 -5.86 -19.86
N VAL A 154 14.22 -7.01 -20.36
CA VAL A 154 13.44 -8.24 -20.40
C VAL A 154 13.37 -8.73 -18.94
N PHE A 155 12.16 -9.05 -18.48
CA PHE A 155 11.90 -9.34 -17.06
C PHE A 155 12.74 -10.52 -16.53
N GLY A 156 12.86 -11.57 -17.32
CA GLY A 156 13.65 -12.73 -16.92
C GLY A 156 15.12 -12.41 -16.70
N ASP A 157 15.72 -11.60 -17.58
CA ASP A 157 17.11 -11.17 -17.39
C ASP A 157 17.24 -10.30 -16.14
N PHE A 158 16.30 -9.37 -16.00
CA PHE A 158 16.29 -8.50 -14.80
C PHE A 158 16.30 -9.30 -13.52
N LEU A 159 15.43 -10.30 -13.42
N LEU A 159 15.42 -10.29 -13.43
CA LEU A 159 15.37 -11.14 -12.22
CA LEU A 159 15.33 -11.13 -12.24
C LEU A 159 16.67 -11.90 -12.03
C LEU A 159 16.60 -11.99 -12.04
N GLU A 160 17.25 -12.37 -13.14
CA GLU A 160 18.51 -13.09 -13.09
C GLU A 160 19.64 -12.22 -12.52
N VAL A 161 19.73 -10.98 -12.99
CA VAL A 161 20.74 -10.05 -12.53
C VAL A 161 20.49 -9.75 -11.06
N ALA A 162 19.23 -9.49 -10.70
CA ALA A 162 18.86 -9.21 -9.30
C ALA A 162 19.33 -10.34 -8.41
N GLU A 163 18.98 -11.58 -8.75
N GLU A 163 18.95 -11.58 -8.73
CA GLU A 163 19.37 -12.73 -7.94
CA GLU A 163 19.38 -12.78 -7.98
C GLU A 163 20.90 -12.92 -7.84
C GLU A 163 20.91 -12.87 -7.83
N ARG A 164 21.62 -12.67 -8.94
CA ARG A 164 23.08 -12.82 -8.99
C ARG A 164 23.80 -11.91 -8.01
N VAL A 165 23.27 -10.70 -7.79
CA VAL A 165 23.86 -9.76 -6.83
C VAL A 165 23.36 -9.95 -5.40
N GLY A 166 22.35 -10.82 -5.21
CA GLY A 166 21.91 -11.19 -3.86
C GLY A 166 20.59 -10.59 -3.44
N LEU A 167 19.82 -10.06 -4.40
CA LEU A 167 18.45 -9.64 -4.14
C LEU A 167 17.53 -10.82 -4.42
N GLU A 168 16.81 -11.30 -3.39
CA GLU A 168 15.99 -12.50 -3.49
C GLU A 168 14.54 -12.13 -3.69
N LEU A 169 13.95 -12.55 -4.81
CA LEU A 169 12.56 -12.20 -5.11
C LEU A 169 11.64 -12.75 -4.04
N GLU A 170 10.89 -11.85 -3.39
CA GLU A 170 9.88 -12.19 -2.38
C GLU A 170 8.49 -12.32 -3.00
N ASN A 171 8.16 -11.36 -3.86
CA ASN A 171 6.93 -11.38 -4.63
C ASN A 171 6.98 -10.46 -5.82
N ALA A 172 6.03 -10.62 -6.73
CA ALA A 172 5.94 -9.81 -7.92
C ALA A 172 4.47 -9.56 -8.26
N PHE A 173 4.20 -8.34 -8.72
CA PHE A 173 2.88 -7.85 -9.06
C PHE A 173 2.98 -7.24 -10.43
N GLU A 174 1.84 -7.06 -11.12
CA GLU A 174 1.89 -6.41 -12.43
C GLU A 174 1.53 -4.92 -12.33
N SER A 175 1.37 -4.42 -11.11
CA SER A 175 1.00 -3.01 -10.92
C SER A 175 1.26 -2.54 -9.49
N TRP A 176 1.33 -1.22 -9.28
CA TRP A 176 1.65 -0.64 -7.97
C TRP A 176 0.46 -0.79 -6.99
N ASP A 177 -0.70 -1.12 -7.55
CA ASP A 177 -1.89 -1.41 -6.77
C ASP A 177 -2.12 -2.92 -6.54
N LEU A 178 -1.05 -3.70 -6.73
CA LEU A 178 -0.94 -5.10 -6.29
C LEU A 178 -1.81 -6.12 -7.02
N LYS A 179 -2.07 -5.88 -8.29
CA LYS A 179 -2.66 -6.91 -9.11
C LYS A 179 -1.56 -7.93 -9.37
N PRO A 180 -1.90 -9.23 -9.36
CA PRO A 180 -0.90 -10.27 -9.44
C PRO A 180 -0.15 -10.30 -10.77
N PHE A 181 1.14 -10.55 -10.70
CA PHE A 181 1.90 -10.80 -11.89
C PHE A 181 1.58 -12.22 -12.40
N VAL A 182 1.10 -12.27 -13.63
CA VAL A 182 0.66 -13.50 -14.28
C VAL A 182 1.32 -13.60 -15.66
N GLN A 183 1.16 -14.74 -16.32
CA GLN A 183 1.69 -14.95 -17.67
C GLN A 183 1.15 -13.84 -18.59
N GLY A 184 2.03 -13.22 -19.37
CA GLY A 184 1.61 -12.09 -20.24
C GLY A 184 1.46 -10.71 -19.55
N SER A 185 1.73 -10.62 -18.26
CA SER A 185 1.75 -9.34 -17.59
C SER A 185 2.69 -8.35 -18.29
N GLU A 186 2.22 -7.13 -18.47
CA GLU A 186 2.94 -6.11 -19.21
C GLU A 186 3.70 -5.09 -18.36
N PHE A 187 3.78 -5.34 -17.06
CA PHE A 187 4.44 -4.44 -16.12
C PHE A 187 4.83 -5.34 -14.96
N LEU A 188 5.95 -5.01 -14.31
CA LEU A 188 6.46 -5.76 -13.16
C LEU A 188 6.78 -4.82 -12.01
N VAL A 189 6.21 -5.11 -10.84
CA VAL A 189 6.62 -4.54 -9.59
C VAL A 189 7.17 -5.74 -8.78
N ALA A 190 8.47 -5.74 -8.58
CA ALA A 190 9.21 -6.85 -7.98
C ALA A 190 9.69 -6.39 -6.62
N VAL A 191 9.42 -7.22 -5.62
CA VAL A 191 9.83 -7.00 -4.24
C VAL A 191 10.97 -7.97 -3.89
N PHE A 192 12.05 -7.41 -3.36
CA PHE A 192 13.23 -8.19 -3.02
C PHE A 192 13.63 -8.04 -1.58
N THR A 193 14.10 -9.14 -0.99
CA THR A 193 14.85 -9.06 0.26
C THR A 193 16.34 -9.22 0.00
N LYS A 194 17.12 -8.94 1.05
CA LYS A 194 18.58 -8.92 0.96
C LYS A 194 19.14 -10.27 1.35
N LYS A 195 19.88 -10.83 0.41
CA LYS A 195 20.57 -12.13 0.46
C LYS A 195 19.64 -13.28 0.11
N ASN B 12 -21.79 -1.63 26.84
CA ASN B 12 -23.10 -1.92 27.53
C ASN B 12 -24.05 -0.73 27.82
N PRO B 13 -23.71 0.52 27.43
CA PRO B 13 -22.72 1.16 26.55
C PRO B 13 -21.32 1.37 27.12
N ALA B 14 -21.16 1.19 28.45
CA ALA B 14 -19.86 1.35 29.12
C ALA B 14 -18.79 0.57 28.37
N HIS B 15 -19.07 -0.68 27.99
CA HIS B 15 -18.04 -1.52 27.33
C HIS B 15 -17.64 -1.00 25.95
N SER B 16 -18.60 -0.42 25.22
CA SER B 16 -18.34 0.21 23.91
C SER B 16 -17.51 1.46 24.07
N GLU B 17 -17.77 2.21 25.15
CA GLU B 17 -16.91 3.34 25.52
C GLU B 17 -15.48 2.90 25.86
N ASN B 18 -15.36 1.83 26.66
CA ASN B 18 -14.04 1.30 27.03
C ASN B 18 -13.22 1.01 25.80
N TYR B 19 -13.88 0.44 24.79
CA TYR B 19 -13.28 0.04 23.54
C TYR B 19 -12.82 1.25 22.73
N ALA B 20 -13.74 2.19 22.55
CA ALA B 20 -13.42 3.41 21.86
C ALA B 20 -12.24 4.15 22.53
N GLN B 21 -12.28 4.22 23.86
N GLN B 21 -12.20 4.20 23.85
CA GLN B 21 -11.24 4.83 24.70
CA GLN B 21 -11.12 4.93 24.54
C GLN B 21 -9.87 4.21 24.37
C GLN B 21 -9.78 4.21 24.47
N ARG B 22 -9.82 2.87 24.34
CA ARG B 22 -8.60 2.12 24.08
C ARG B 22 -7.94 2.52 22.76
N TRP B 23 -8.73 2.65 21.70
CA TRP B 23 -8.23 3.14 20.39
C TRP B 23 -7.74 4.57 20.43
N ARG B 24 -8.48 5.45 21.08
CA ARG B 24 -7.98 6.83 21.30
C ARG B 24 -6.64 6.84 22.01
N ASN B 25 -6.48 5.91 22.96
CA ASN B 25 -5.25 5.83 23.74
C ASN B 25 -4.03 5.33 22.94
N LEU B 26 -4.23 4.36 22.06
CA LEU B 26 -3.14 3.90 21.19
C LEU B 26 -2.62 5.07 20.31
N ALA B 27 -3.55 5.88 19.79
CA ALA B 27 -3.22 7.08 18.99
C ALA B 27 -2.54 8.15 19.84
N ALA B 28 -3.06 8.37 21.04
CA ALA B 28 -2.46 9.26 22.02
C ALA B 28 -1.04 8.85 22.35
N ALA B 29 -0.80 7.54 22.58
CA ALA B 29 0.53 7.03 23.01
C ALA B 29 1.56 7.09 21.89
N GLY B 30 1.12 7.49 20.71
CA GLY B 30 1.97 7.67 19.56
C GLY B 30 1.97 6.51 18.59
N ASN B 31 1.06 5.55 18.79
CA ASN B 31 1.04 4.40 17.90
C ASN B 31 0.38 4.75 16.57
N ASP B 32 0.81 4.02 15.55
CA ASP B 32 0.28 4.17 14.22
C ASP B 32 -0.92 3.25 14.11
N ILE B 33 -2.11 3.82 13.90
CA ILE B 33 -3.35 3.04 13.87
C ILE B 33 -3.99 2.94 12.48
N TYR B 34 -3.20 3.25 11.45
CA TYR B 34 -3.68 3.41 10.08
C TYR B 34 -2.97 2.50 9.10
N GLY B 35 -2.21 1.54 9.60
CA GLY B 35 -1.48 0.61 8.76
C GLY B 35 -2.39 -0.06 7.73
N GLU B 36 -3.56 -0.57 8.17
CA GLU B 36 -4.45 -1.33 7.29
C GLU B 36 -5.01 -0.41 6.20
N ALA B 37 -5.31 0.83 6.60
CA ALA B 37 -5.83 1.80 5.65
C ALA B 37 -4.83 2.23 4.55
N ARG B 38 -3.55 2.29 4.89
N ARG B 38 -3.54 2.28 4.89
CA ARG B 38 -2.53 2.60 3.90
CA ARG B 38 -2.52 2.60 3.91
C ARG B 38 -2.46 1.51 2.83
C ARG B 38 -2.41 1.51 2.84
N LEU B 39 -2.58 0.25 3.22
CA LEU B 39 -2.63 -0.85 2.20
C LEU B 39 -3.85 -0.69 1.27
N ILE B 40 -5.03 -0.53 1.83
CA ILE B 40 -6.21 -0.26 1.01
C ILE B 40 -6.03 0.97 0.09
N ASP B 41 -5.44 2.05 0.58
CA ASP B 41 -5.22 3.25 -0.25
C ASP B 41 -4.27 2.91 -1.43
N ALA B 42 -3.24 2.14 -1.13
CA ALA B 42 -2.25 1.69 -2.16
C ALA B 42 -2.91 0.81 -3.24
N MSE B 43 -3.95 0.10 -2.87
CA MSE B 43 -4.57 -0.85 -3.78
C MSE B 43 -5.72 -0.26 -4.56
O MSE B 43 -6.26 -0.91 -5.48
CB MSE B 43 -5.08 -2.06 -3.00
CG MSE B 43 -4.02 -2.99 -2.46
SE MSE B 43 -4.88 -4.33 -1.30
CE MSE B 43 -5.75 -5.44 -2.64
N ALA B 44 -6.10 0.96 -4.19
CA ALA B 44 -7.33 1.60 -4.65
C ALA B 44 -7.11 2.57 -5.78
N PRO B 45 -8.08 2.65 -6.71
CA PRO B 45 -8.10 3.78 -7.63
C PRO B 45 -8.52 5.03 -6.90
N ARG B 46 -8.34 6.21 -7.49
CA ARG B 46 -8.77 7.43 -6.80
C ARG B 46 -10.32 7.52 -6.82
N GLY B 47 -10.88 8.03 -5.74
CA GLY B 47 -12.35 8.12 -5.58
C GLY B 47 -13.04 6.78 -5.63
N ALA B 48 -12.43 5.75 -5.05
CA ALA B 48 -12.98 4.41 -5.07
C ALA B 48 -14.17 4.34 -4.13
N LYS B 49 -15.06 3.39 -4.37
CA LYS B 49 -16.11 3.07 -3.39
C LYS B 49 -15.64 1.88 -2.55
N ILE B 50 -15.56 2.13 -1.25
CA ILE B 50 -14.94 1.20 -0.30
C ILE B 50 -15.90 0.95 0.85
N LEU B 51 -16.08 -0.31 1.22
CA LEU B 51 -16.79 -0.76 2.42
C LEU B 51 -15.79 -1.15 3.48
N ASP B 52 -15.90 -0.52 4.64
CA ASP B 52 -15.19 -0.94 5.86
C ASP B 52 -16.15 -1.81 6.67
N ALA B 53 -15.98 -3.14 6.56
CA ALA B 53 -16.87 -4.13 7.12
C ALA B 53 -16.40 -4.47 8.54
N GLY B 54 -17.27 -4.28 9.53
CA GLY B 54 -16.85 -4.39 10.94
C GLY B 54 -15.93 -3.26 11.30
N CYS B 55 -16.42 -2.05 11.02
CA CYS B 55 -15.57 -0.85 11.07
C CYS B 55 -15.26 -0.27 12.45
N GLY B 56 -15.99 -0.75 13.47
CA GLY B 56 -15.97 -0.15 14.78
C GLY B 56 -16.16 1.32 14.76
N GLN B 57 -15.25 2.01 15.46
N GLN B 57 -15.29 2.06 15.46
CA GLN B 57 -15.26 3.48 15.58
CA GLN B 57 -15.40 3.54 15.51
C GLN B 57 -14.80 4.21 14.30
C GLN B 57 -14.82 4.23 14.27
N GLY B 58 -14.46 3.44 13.25
CA GLY B 58 -14.21 3.96 11.89
C GLY B 58 -12.80 4.38 11.50
N ARG B 59 -11.80 3.95 12.26
CA ARG B 59 -10.42 4.38 11.95
C ARG B 59 -10.00 4.10 10.50
N ILE B 60 -10.30 2.92 9.97
CA ILE B 60 -9.85 2.59 8.62
C ILE B 60 -10.68 3.30 7.55
N GLY B 61 -12.02 3.19 7.57
CA GLY B 61 -12.84 3.91 6.57
C GLY B 61 -12.69 5.40 6.69
N GLY B 62 -12.55 5.86 7.93
CA GLY B 62 -12.30 7.28 8.22
C GLY B 62 -11.05 7.81 7.54
N TYR B 63 -9.94 7.12 7.71
CA TYR B 63 -8.72 7.52 7.02
C TYR B 63 -8.96 7.50 5.51
N LEU B 64 -9.59 6.44 4.99
CA LEU B 64 -9.81 6.38 3.55
C LEU B 64 -10.68 7.52 3.01
N SER B 65 -11.66 7.94 3.80
N SER B 65 -11.68 7.91 3.77
CA SER B 65 -12.59 9.02 3.41
CA SER B 65 -12.55 9.01 3.37
C SER B 65 -11.89 10.39 3.32
C SER B 65 -11.77 10.33 3.19
N LYS B 66 -10.78 10.54 4.04
CA LYS B 66 -9.97 11.74 3.95
C LYS B 66 -9.04 11.68 2.74
N GLN B 67 -8.88 10.50 2.11
CA GLN B 67 -8.10 10.36 0.86
C GLN B 67 -8.91 10.57 -0.41
N GLY B 68 -10.18 10.90 -0.26
CA GLY B 68 -11.06 11.15 -1.38
C GLY B 68 -11.92 9.97 -1.77
N HIS B 69 -11.91 8.88 -1.02
CA HIS B 69 -12.73 7.72 -1.37
C HIS B 69 -14.15 7.88 -0.83
N ASP B 70 -15.06 7.17 -1.47
CA ASP B 70 -16.46 7.13 -1.08
C ASP B 70 -16.62 5.90 -0.19
N VAL B 71 -16.67 6.16 1.11
CA VAL B 71 -16.60 5.12 2.11
C VAL B 71 -17.97 4.87 2.79
N LEU B 72 -18.35 3.60 2.87
CA LEU B 72 -19.38 3.15 3.80
C LEU B 72 -18.73 2.25 4.87
N GLY B 73 -19.03 2.50 6.12
CA GLY B 73 -18.59 1.60 7.20
C GLY B 73 -19.81 1.00 7.86
N THR B 74 -19.70 -0.28 8.15
CA THR B 74 -20.75 -1.02 8.85
C THR B 74 -20.22 -1.72 10.12
N ASP B 75 -21.00 -1.63 11.20
CA ASP B 75 -20.68 -2.33 12.44
C ASP B 75 -21.95 -2.64 13.18
N LEU B 76 -21.88 -3.70 13.97
CA LEU B 76 -22.96 -4.12 14.88
C LEU B 76 -23.23 -3.13 16.02
N ASP B 77 -22.20 -2.40 16.46
CA ASP B 77 -22.29 -1.56 17.66
C ASP B 77 -22.71 -0.11 17.34
N PRO B 78 -23.91 0.33 17.82
CA PRO B 78 -24.37 1.67 17.49
C PRO B 78 -23.63 2.79 18.16
N ILE B 79 -23.03 2.50 19.32
CA ILE B 79 -22.16 3.46 20.03
C ILE B 79 -20.96 3.79 19.15
N LEU B 80 -20.31 2.75 18.61
CA LEU B 80 -19.12 2.93 17.78
C LEU B 80 -19.45 3.66 16.47
N ILE B 81 -20.60 3.35 15.90
CA ILE B 81 -21.05 3.96 14.68
C ILE B 81 -21.35 5.45 14.88
N ASP B 82 -21.88 5.82 16.04
CA ASP B 82 -22.14 7.25 16.36
C ASP B 82 -20.85 8.05 16.49
N TYR B 83 -19.83 7.44 17.08
CA TYR B 83 -18.47 7.97 17.07
C TYR B 83 -17.90 8.19 15.68
N ALA B 84 -18.05 7.19 14.81
CA ALA B 84 -17.59 7.28 13.45
C ALA B 84 -18.32 8.40 12.71
N LYS B 85 -19.62 8.54 12.93
CA LYS B 85 -20.40 9.60 12.28
C LYS B 85 -19.92 10.98 12.70
N GLN B 86 -19.58 11.08 13.97
CA GLN B 86 -19.13 12.31 14.59
C GLN B 86 -17.71 12.62 14.13
N ASP B 87 -16.82 11.63 14.15
CA ASP B 87 -15.43 11.86 13.75
C ASP B 87 -15.17 11.99 12.24
N PHE B 88 -16.02 11.36 11.41
CA PHE B 88 -15.79 11.30 9.98
C PHE B 88 -17.06 11.54 9.20
N PRO B 89 -17.54 12.79 9.22
CA PRO B 89 -18.85 13.08 8.61
C PRO B 89 -18.88 13.05 7.07
N GLU B 90 -17.71 13.03 6.43
N GLU B 90 -17.71 13.02 6.44
CA GLU B 90 -17.64 12.90 4.97
CA GLU B 90 -17.60 12.88 4.98
C GLU B 90 -17.80 11.42 4.50
C GLU B 90 -17.80 11.42 4.50
N ALA B 91 -17.80 10.48 5.44
CA ALA B 91 -18.09 9.07 5.12
C ALA B 91 -19.52 8.74 5.57
N ARG B 92 -19.96 7.55 5.24
CA ARG B 92 -21.30 7.05 5.57
C ARG B 92 -21.12 5.84 6.48
N TRP B 93 -22.00 5.68 7.46
CA TRP B 93 -21.86 4.72 8.55
C TRP B 93 -23.22 4.15 8.88
N VAL B 94 -23.30 2.85 9.05
CA VAL B 94 -24.55 2.16 9.30
C VAL B 94 -24.37 1.02 10.30
N VAL B 95 -25.37 0.83 11.16
CA VAL B 95 -25.42 -0.30 12.07
C VAL B 95 -25.96 -1.51 11.31
N GLY B 96 -25.25 -2.62 11.41
CA GLY B 96 -25.67 -3.86 10.80
C GLY B 96 -24.87 -5.06 11.24
N ASP B 97 -25.51 -6.22 11.16
CA ASP B 97 -24.92 -7.52 11.51
C ASP B 97 -24.58 -8.21 10.21
N LEU B 98 -23.29 -8.34 9.98
CA LEU B 98 -22.76 -8.91 8.75
C LEU B 98 -23.30 -10.33 8.42
N SER B 99 -23.62 -11.12 9.44
N SER B 99 -23.61 -11.10 9.47
CA SER B 99 -24.12 -12.48 9.22
CA SER B 99 -24.11 -12.47 9.35
C SER B 99 -25.64 -12.57 9.06
C SER B 99 -25.61 -12.55 9.05
N VAL B 100 -26.37 -11.54 9.46
CA VAL B 100 -27.85 -11.55 9.33
C VAL B 100 -28.47 -10.40 8.51
N ASP B 101 -27.91 -9.19 8.57
CA ASP B 101 -28.40 -8.07 7.72
C ASP B 101 -27.62 -7.98 6.41
N GLN B 102 -28.31 -8.21 5.30
CA GLN B 102 -27.71 -8.04 3.98
C GLN B 102 -27.16 -6.62 3.83
N ILE B 103 -25.97 -6.53 3.24
CA ILE B 103 -25.40 -5.26 2.79
C ILE B 103 -26.09 -4.99 1.46
N SER B 104 -26.94 -3.97 1.43
CA SER B 104 -27.83 -3.77 0.29
C SER B 104 -27.12 -3.01 -0.80
N GLU B 105 -26.15 -2.20 -0.42
CA GLU B 105 -25.33 -1.48 -1.36
C GLU B 105 -24.31 -2.42 -1.98
N THR B 106 -24.00 -2.21 -3.26
CA THR B 106 -23.08 -3.09 -4.00
C THR B 106 -22.08 -2.28 -4.83
N ASP B 107 -21.33 -2.98 -5.70
CA ASP B 107 -20.35 -2.35 -6.56
C ASP B 107 -19.24 -1.67 -5.80
N PHE B 108 -18.80 -2.27 -4.68
CA PHE B 108 -17.65 -1.75 -4.03
C PHE B 108 -16.40 -2.18 -4.79
N ASP B 109 -15.52 -1.20 -4.99
CA ASP B 109 -14.19 -1.45 -5.54
C ASP B 109 -13.33 -2.26 -4.58
N LEU B 110 -13.38 -1.92 -3.29
CA LEU B 110 -12.63 -2.64 -2.25
C LEU B 110 -13.55 -2.80 -1.03
N ILE B 111 -13.44 -3.95 -0.38
CA ILE B 111 -14.05 -4.18 0.91
C ILE B 111 -12.88 -4.58 1.82
N VAL B 112 -12.78 -3.95 2.98
CA VAL B 112 -11.72 -4.25 3.94
C VAL B 112 -12.36 -4.69 5.24
N SER B 113 -11.78 -5.71 5.87
CA SER B 113 -12.12 -6.06 7.24
C SER B 113 -10.81 -6.12 7.99
N ALA B 114 -10.58 -5.10 8.83
CA ALA B 114 -9.34 -4.91 9.59
C ALA B 114 -9.57 -4.78 11.08
N GLY B 115 -10.74 -5.21 11.54
CA GLY B 115 -11.08 -5.08 12.95
C GLY B 115 -11.19 -6.44 13.58
N ASN B 116 -12.16 -6.58 14.48
CA ASN B 116 -12.37 -7.83 15.23
C ASN B 116 -13.54 -8.72 14.74
N VAL B 117 -14.20 -8.33 13.65
CA VAL B 117 -15.45 -9.01 13.26
C VAL B 117 -15.27 -10.52 12.86
N MSE B 118 -14.14 -10.91 12.23
CA MSE B 118 -14.02 -12.32 11.81
C MSE B 118 -14.04 -13.26 13.03
O MSE B 118 -14.74 -14.28 13.02
CB MSE B 118 -12.81 -12.58 10.91
CG MSE B 118 -12.89 -11.84 9.56
SE MSE B 118 -14.48 -12.24 8.48
CE MSE B 118 -14.80 -10.45 7.78
N GLY B 119 -13.31 -12.89 14.08
CA GLY B 119 -13.33 -13.64 15.35
C GLY B 119 -14.64 -13.58 16.13
N PHE B 120 -15.45 -12.54 15.89
CA PHE B 120 -16.71 -12.33 16.61
C PHE B 120 -17.88 -13.13 16.03
N LEU B 121 -17.87 -13.34 14.72
CA LEU B 121 -18.91 -14.15 14.07
C LEU B 121 -19.14 -15.51 14.71
N ALA B 122 -20.39 -15.92 14.80
CA ALA B 122 -20.75 -17.25 15.30
C ALA B 122 -20.37 -18.24 14.22
N GLU B 123 -20.06 -19.46 14.60
CA GLU B 123 -19.68 -20.48 13.63
C GLU B 123 -20.63 -20.53 12.42
N ASP B 124 -21.93 -20.45 12.69
CA ASP B 124 -22.94 -20.53 11.61
C ASP B 124 -23.23 -19.18 10.94
N GLY B 125 -22.65 -18.09 11.45
CA GLY B 125 -22.71 -16.78 10.79
C GLY B 125 -21.56 -16.50 9.81
N ARG B 126 -20.60 -17.42 9.75
CA ARG B 126 -19.37 -17.20 8.95
C ARG B 126 -19.61 -17.20 7.44
N GLU B 127 -20.27 -18.22 6.93
CA GLU B 127 -20.59 -18.31 5.51
C GLU B 127 -21.53 -17.19 5.04
N PRO B 128 -22.66 -16.97 5.75
CA PRO B 128 -23.52 -15.80 5.45
C PRO B 128 -22.72 -14.49 5.39
N ALA B 129 -21.83 -14.27 6.33
CA ALA B 129 -21.07 -13.02 6.41
C ALA B 129 -20.18 -12.84 5.16
N LEU B 130 -19.43 -13.87 4.82
CA LEU B 130 -18.59 -13.85 3.61
C LEU B 130 -19.44 -13.84 2.33
N ALA B 131 -20.57 -14.54 2.27
CA ALA B 131 -21.46 -14.45 1.10
C ALA B 131 -21.98 -13.00 0.91
N ASN B 132 -22.24 -12.34 2.04
CA ASN B 132 -22.67 -10.93 2.09
C ASN B 132 -21.64 -9.97 1.46
N ILE B 133 -20.37 -10.12 1.88
CA ILE B 133 -19.23 -9.38 1.35
C ILE B 133 -19.07 -9.64 -0.15
N HIS B 134 -19.12 -10.90 -0.53
CA HIS B 134 -19.01 -11.28 -1.91
C HIS B 134 -20.04 -10.53 -2.79
N ARG B 135 -21.30 -10.53 -2.36
N ARG B 135 -21.31 -10.55 -2.39
CA ARG B 135 -22.39 -9.91 -3.07
CA ARG B 135 -22.38 -9.88 -3.14
C ARG B 135 -22.22 -8.38 -3.18
C ARG B 135 -22.15 -8.37 -3.22
N ALA B 136 -21.62 -7.78 -2.16
CA ALA B 136 -21.36 -6.33 -2.12
C ALA B 136 -20.19 -5.89 -3.02
N LEU B 137 -19.35 -6.85 -3.40
CA LEU B 137 -18.18 -6.58 -4.20
C LEU B 137 -18.62 -6.37 -5.65
N GLY B 138 -18.02 -5.39 -6.31
CA GLY B 138 -18.17 -5.19 -7.74
C GLY B 138 -17.50 -6.30 -8.51
N ALA B 139 -17.82 -6.41 -9.80
CA ALA B 139 -17.28 -7.47 -10.64
C ALA B 139 -15.75 -7.50 -10.57
N ASP B 140 -15.15 -6.31 -10.60
CA ASP B 140 -13.69 -6.15 -10.59
C ASP B 140 -13.11 -5.71 -9.26
N GLY B 141 -13.86 -5.85 -8.17
CA GLY B 141 -13.38 -5.38 -6.90
C GLY B 141 -12.66 -6.46 -6.13
N ARG B 142 -11.95 -6.05 -5.08
CA ARG B 142 -11.31 -7.03 -4.20
C ARG B 142 -11.70 -6.86 -2.74
N ALA B 143 -11.76 -7.98 -2.03
CA ALA B 143 -11.93 -7.98 -0.57
C ALA B 143 -10.58 -8.28 0.06
N VAL B 144 -10.24 -7.56 1.13
CA VAL B 144 -8.97 -7.68 1.86
C VAL B 144 -9.38 -7.92 3.31
N ILE B 145 -9.17 -9.15 3.78
CA ILE B 145 -9.62 -9.53 5.12
C ILE B 145 -8.44 -9.97 5.92
N GLY B 146 -8.26 -9.36 7.09
CA GLY B 146 -7.09 -9.61 7.93
C GLY B 146 -7.46 -9.92 9.37
N PHE B 147 -6.88 -11.00 9.92
CA PHE B 147 -7.07 -11.31 11.36
C PHE B 147 -6.04 -12.28 11.90
N GLY B 148 -5.99 -12.39 13.23
CA GLY B 148 -4.97 -13.11 13.94
C GLY B 148 -5.37 -14.53 14.27
N ALA B 149 -4.36 -15.37 14.44
CA ALA B 149 -4.54 -16.74 14.91
C ALA B 149 -4.96 -16.73 16.36
N GLY B 150 -5.58 -17.83 16.79
CA GLY B 150 -6.00 -18.01 18.19
C GLY B 150 -7.09 -17.05 18.66
N ARG B 151 -7.82 -16.48 17.72
N ARG B 151 -7.83 -16.47 17.72
CA ARG B 151 -8.90 -15.54 18.04
CA ARG B 151 -8.88 -15.49 18.03
C ARG B 151 -10.17 -16.07 17.41
C ARG B 151 -10.26 -16.05 17.67
N GLY B 152 -10.37 -17.39 17.54
CA GLY B 152 -11.65 -18.02 17.18
C GLY B 152 -11.79 -18.81 15.87
N TRP B 153 -11.01 -18.47 14.84
CA TRP B 153 -11.22 -19.03 13.49
C TRP B 153 -9.88 -19.51 12.91
N VAL B 154 -9.76 -20.81 12.63
CA VAL B 154 -8.53 -21.34 12.02
C VAL B 154 -8.42 -20.86 10.57
N PHE B 155 -7.22 -20.42 10.14
CA PHE B 155 -7.03 -19.79 8.82
C PHE B 155 -7.50 -20.70 7.70
N GLY B 156 -7.19 -21.99 7.81
CA GLY B 156 -7.54 -23.00 6.80
C GLY B 156 -9.03 -23.13 6.54
N ASP B 157 -9.82 -23.06 7.61
CA ASP B 157 -11.27 -23.18 7.49
C ASP B 157 -11.85 -21.92 6.87
N PHE B 158 -11.37 -20.78 7.35
CA PHE B 158 -11.76 -19.46 6.82
C PHE B 158 -11.58 -19.42 5.29
N LEU B 159 -10.43 -19.87 4.81
CA LEU B 159 -10.12 -19.87 3.37
C LEU B 159 -11.05 -20.79 2.58
N GLU B 160 -11.37 -21.95 3.16
CA GLU B 160 -12.39 -22.87 2.63
C GLU B 160 -13.78 -22.21 2.50
N VAL B 161 -14.23 -21.53 3.56
CA VAL B 161 -15.56 -20.87 3.52
C VAL B 161 -15.64 -19.74 2.48
N ALA B 162 -14.54 -18.96 2.37
CA ALA B 162 -14.41 -17.89 1.41
C ALA B 162 -14.55 -18.41 -0.02
N GLU B 163 -13.83 -19.48 -0.31
CA GLU B 163 -13.87 -20.14 -1.61
C GLU B 163 -15.27 -20.66 -1.94
N ARG B 164 -15.92 -21.27 -0.96
CA ARG B 164 -17.27 -21.82 -1.12
C ARG B 164 -18.26 -20.74 -1.56
N VAL B 165 -18.11 -19.52 -1.01
CA VAL B 165 -19.05 -18.42 -1.35
C VAL B 165 -18.71 -17.67 -2.64
N GLY B 166 -17.57 -17.98 -3.25
CA GLY B 166 -17.13 -17.36 -4.51
C GLY B 166 -16.01 -16.35 -4.40
N LEU B 167 -15.38 -16.25 -3.23
CA LEU B 167 -14.21 -15.35 -3.08
C LEU B 167 -12.96 -16.13 -3.47
N GLU B 168 -12.29 -15.64 -4.51
CA GLU B 168 -11.09 -16.25 -5.09
C GLU B 168 -9.79 -15.68 -4.50
N LEU B 169 -9.08 -16.47 -3.72
CA LEU B 169 -7.81 -16.03 -3.12
C LEU B 169 -6.79 -15.64 -4.21
N GLU B 170 -6.35 -14.39 -4.15
CA GLU B 170 -5.40 -13.84 -5.11
C GLU B 170 -4.01 -13.81 -4.50
N ASN B 171 -3.91 -13.46 -3.22
CA ASN B 171 -2.62 -13.37 -2.49
C ASN B 171 -2.87 -13.38 -0.98
N ALA B 172 -1.87 -13.85 -0.22
CA ALA B 172 -1.89 -13.91 1.25
C ALA B 172 -0.61 -13.28 1.81
N PHE B 173 -0.75 -12.52 2.89
CA PHE B 173 0.37 -11.90 3.60
C PHE B 173 0.20 -12.18 5.09
N GLU B 174 1.28 -12.07 5.86
CA GLU B 174 1.14 -12.16 7.31
C GLU B 174 0.99 -10.82 8.02
N SER B 175 0.93 -9.73 7.28
CA SER B 175 0.74 -8.41 7.88
C SER B 175 0.37 -7.41 6.80
N TRP B 176 -0.03 -6.22 7.25
CA TRP B 176 -0.56 -5.19 6.34
C TRP B 176 0.49 -4.46 5.54
N ASP B 177 1.76 -4.63 5.94
CA ASP B 177 2.92 -4.13 5.24
C ASP B 177 3.53 -5.17 4.28
N LEU B 178 2.79 -6.26 4.05
CA LEU B 178 3.05 -7.22 2.94
C LEU B 178 4.20 -8.18 3.16
N LYS B 179 4.49 -8.48 4.41
CA LYS B 179 5.41 -9.57 4.70
C LYS B 179 4.72 -10.86 4.31
N PRO B 180 5.48 -11.80 3.69
CA PRO B 180 4.81 -13.01 3.18
C PRO B 180 4.16 -13.90 4.25
N PHE B 181 3.06 -14.51 3.87
CA PHE B 181 2.38 -15.50 4.68
C PHE B 181 3.15 -16.83 4.58
N VAL B 182 3.81 -17.22 5.66
CA VAL B 182 4.67 -18.42 5.66
C VAL B 182 4.14 -19.39 6.69
N GLN B 183 4.73 -20.58 6.78
CA GLN B 183 4.31 -21.51 7.84
C GLN B 183 4.68 -20.94 9.18
N GLY B 184 3.76 -21.04 10.13
CA GLY B 184 3.92 -20.40 11.43
C GLY B 184 3.67 -18.89 11.47
N SER B 185 3.10 -18.33 10.39
CA SER B 185 2.56 -16.97 10.43
C SER B 185 1.35 -16.94 11.37
N GLU B 186 1.31 -15.98 12.29
CA GLU B 186 0.22 -15.90 13.29
C GLU B 186 -0.84 -14.85 12.98
N PHE B 187 -0.83 -14.41 11.72
CA PHE B 187 -1.74 -13.44 11.23
C PHE B 187 -1.82 -13.64 9.74
N LEU B 188 -3.01 -13.39 9.19
CA LEU B 188 -3.31 -13.47 7.75
C LEU B 188 -4.00 -12.22 7.26
N VAL B 189 -3.46 -11.66 6.18
CA VAL B 189 -4.14 -10.68 5.34
C VAL B 189 -4.40 -11.36 4.00
N ALA B 190 -5.66 -11.69 3.70
CA ALA B 190 -6.00 -12.38 2.47
C ALA B 190 -6.66 -11.42 1.52
N VAL B 191 -6.24 -11.47 0.24
CA VAL B 191 -6.86 -10.66 -0.84
C VAL B 191 -7.65 -11.62 -1.75
N PHE B 192 -8.91 -11.28 -1.99
CA PHE B 192 -9.84 -12.08 -2.79
C PHE B 192 -10.35 -11.26 -3.94
N THR B 193 -10.54 -11.90 -5.09
CA THR B 193 -11.36 -11.36 -6.14
C THR B 193 -12.74 -12.06 -6.09
N LYS B 194 -13.67 -11.57 -6.92
CA LYS B 194 -15.06 -12.02 -6.91
C LYS B 194 -15.29 -13.09 -7.96
N LYS B 195 -15.72 -14.26 -7.48
CA LYS B 195 -16.14 -15.44 -8.27
C LYS B 195 -15.00 -15.94 -9.12
C3' NHE C . 17.50 -0.08 -11.89
C2' NHE C . 18.17 1.24 -12.24
C1' NHE C . 17.68 2.47 -11.51
C6' NHE C . 17.42 2.29 -10.00
N NHE C . 18.70 3.45 -11.62
C1 NHE C . 18.78 4.51 -12.59
C2 NHE C . 18.76 5.78 -11.77
S NHE C . 20.06 6.80 -11.95
O1 NHE C . 21.48 6.38 -11.75
O2 NHE C . 19.73 8.26 -12.04
O3 NHE C . 19.85 6.82 -10.50
C5' NHE C . 17.48 0.87 -9.47
C4' NHE C . 16.99 -0.19 -10.46
C3' NHE D . 8.63 -12.17 -13.28
C2' NHE D . 9.30 -12.45 -14.63
C1' NHE D . 9.31 -13.92 -15.01
C6' NHE D . 7.93 -14.51 -14.81
N NHE D . 9.76 -14.08 -16.37
C1 NHE D . 8.89 -13.93 -17.51
C2 NHE D . 9.63 -14.30 -18.80
S NHE D . 10.44 -12.98 -19.46
O1 NHE D . 9.65 -11.99 -20.27
O2 NHE D . 11.92 -12.97 -19.55
O3 NHE D . 10.46 -13.83 -20.68
C5' NHE D . 7.55 -14.48 -13.34
C4' NHE D . 8.32 -13.45 -12.50
C1 EDO E . 18.97 5.98 -15.91
O1 EDO E . 20.05 5.02 -16.02
C2 EDO E . 17.63 5.27 -16.01
O2 EDO E . 17.79 3.84 -15.99
C1 EDO F . 26.46 8.45 -5.67
O1 EDO F . 26.18 7.12 -6.09
C2 EDO F . 25.12 9.12 -5.40
O2 EDO F . 24.14 8.16 -5.74
C1 EDO G . -1.47 10.42 3.23
O1 EDO G . -1.75 10.60 4.63
C2 EDO G . -2.23 11.42 2.38
O2 EDO G . -1.43 12.58 2.10
C1 EDO H . 24.74 8.33 -1.70
O1 EDO H . 24.64 7.64 -0.43
C2 EDO H . 25.96 9.25 -1.76
O2 EDO H . 27.19 8.48 -1.80
C1 EDO I . 2.45 15.01 -1.51
O1 EDO I . 1.87 15.38 -0.25
C2 EDO I . 3.18 16.20 -2.08
O2 EDO I . 4.52 15.80 -2.33
C1 CIT J . -9.95 13.45 12.95
O1 CIT J . -9.57 12.79 13.94
O2 CIT J . -11.19 13.60 12.83
C2 CIT J . -8.94 14.09 11.99
C3 CIT J . -8.48 13.34 10.71
O7 CIT J . -9.57 13.33 9.74
C4 CIT J . -8.07 11.87 10.95
C5 CIT J . -7.37 11.12 9.80
O3 CIT J . -7.20 9.89 9.87
O4 CIT J . -6.95 11.65 8.76
C6 CIT J . -7.29 14.17 10.18
O5 CIT J . -6.13 14.02 10.62
O6 CIT J . -7.46 15.07 9.31
C1 EDO K . -27.45 -12.09 4.20
O1 EDO K . -27.18 -12.00 5.60
C2 EDO K . -27.03 -13.48 3.71
O2 EDO K . -25.65 -13.54 3.29
C1 EDO L . -9.59 -2.53 -6.53
O1 EDO L . -8.19 -2.74 -6.19
C2 EDO L . -9.91 -3.17 -7.87
O2 EDO L . -9.36 -4.50 -7.91
C1 EDO M . -27.09 -1.19 4.52
O1 EDO M . -28.12 -2.06 4.01
C2 EDO M . -25.70 -1.62 4.01
O2 EDO M . -25.50 -1.41 2.60
#